data_6NQ6
#
_entry.id   6NQ6
#
_cell.length_a   46.150
_cell.length_b   96.020
_cell.length_c   61.490
_cell.angle_alpha   90.00
_cell.angle_beta   90.05
_cell.angle_gamma   90.00
#
_symmetry.space_group_name_H-M   'P 1 21 1'
#
loop_
_entity.id
_entity.type
_entity.pdbx_description
1 polymer N(4)-(Beta-N-acetylglucosaminyl)-L-asparaginase
2 polymer N(4)-(Beta-N-acetylglucosaminyl)-L-asparaginase
3 water water
#
loop_
_entity_poly.entity_id
_entity_poly.type
_entity_poly.pdbx_seq_one_letter_code
_entity_poly.pdbx_strand_id
1 'polypeptide(L)'
;TTNKPIVLSTWNFGLHANVEAWKVLSKGGKALDAVEKGVRLVEDDPTERSVGYGGRPDRDGRVTLDACIMDENYNIGSVA
CMEHIKNPISVARAVMEKKPHVMLVGDGALEFALSQGFKKENLLTAESEKEWKEWLKT
;
A,C
2 'polypeptide(L)'
;TIGMIALDAQGNLSGACTTSGMAYKMHGRVGDSPIIGAGLFVDNEIGAATATGHGEEVIRTVGTHLVVELMNQGRTPQQA
CKEAVERIVKIVNRRGKNLKDIQVGFIALNKKGEYGAYCIQDGFNFAVHDQKGNRLETPGFALK
;
B,D
#
# COMPACT_ATOMS: atom_id res chain seq x y z
N THR A 2 10.14 -26.42 16.37
CA THR A 2 9.72 -24.98 16.23
C THR A 2 10.51 -24.09 17.20
N ASN A 3 11.23 -23.12 16.63
CA ASN A 3 12.10 -22.23 17.34
C ASN A 3 11.20 -21.06 17.69
N LYS A 4 10.69 -21.06 18.91
CA LYS A 4 9.87 -19.97 19.36
C LYS A 4 10.08 -19.77 20.85
N PRO A 5 9.92 -18.58 21.40
CA PRO A 5 9.72 -17.36 20.60
C PRO A 5 10.96 -16.90 19.87
N ILE A 6 10.77 -16.00 18.89
CA ILE A 6 11.89 -15.46 18.08
C ILE A 6 11.41 -14.05 17.61
N VAL A 7 12.33 -13.08 17.55
CA VAL A 7 12.08 -11.75 16.99
C VAL A 7 13.23 -11.34 16.08
N LEU A 8 12.90 -10.72 14.97
CA LEU A 8 13.88 -10.16 14.03
C LEU A 8 13.59 -8.73 13.83
N SER A 9 14.62 -7.90 13.66
CA SER A 9 14.40 -6.50 13.35
C SER A 9 15.57 -5.99 12.52
N THR A 10 15.29 -4.83 11.91
CA THR A 10 16.25 -4.28 10.96
C THR A 10 17.30 -3.35 11.58
N TRP A 11 18.55 -3.50 11.11
CA TRP A 11 19.73 -2.62 11.45
C TRP A 11 20.24 -2.81 12.88
N ASN A 12 21.33 -2.10 13.22
CA ASN A 12 21.91 -2.27 14.56
C ASN A 12 21.03 -1.83 15.71
N PHE A 13 20.16 -0.85 15.49
CA PHE A 13 19.26 -0.40 16.52
C PHE A 13 18.19 -1.45 16.80
N GLY A 14 18.04 -2.33 15.81
CA GLY A 14 17.23 -3.54 15.90
C GLY A 14 17.70 -4.42 17.03
N LEU A 15 19.02 -4.46 17.23
CA LEU A 15 19.56 -5.33 18.26
C LEU A 15 19.07 -4.84 19.56
N HIS A 16 19.09 -3.51 19.71
CA HIS A 16 18.65 -2.89 20.94
C HIS A 16 17.11 -3.03 21.14
N ALA A 17 16.34 -2.84 20.06
CA ALA A 17 14.86 -3.00 20.14
C ALA A 17 14.53 -4.45 20.52
N ASN A 18 15.27 -5.42 19.98
CA ASN A 18 14.96 -6.80 20.27
C ASN A 18 15.03 -7.11 21.75
N VAL A 19 15.93 -6.44 22.50
CA VAL A 19 16.00 -6.63 23.98
C VAL A 19 14.66 -6.27 24.60
N GLU A 20 14.03 -5.19 24.16
CA GLU A 20 12.74 -4.81 24.73
C GLU A 20 11.60 -5.77 24.34
N ALA A 21 11.64 -6.21 23.08
CA ALA A 21 10.69 -7.25 22.61
C ALA A 21 10.79 -8.49 23.41
N TRP A 22 12.04 -8.88 23.73
CA TRP A 22 12.28 -10.15 24.40
C TRP A 22 11.74 -10.11 25.85
N LYS A 23 11.67 -8.90 26.47
CA LYS A 23 11.07 -8.80 27.79
C LYS A 23 9.63 -9.30 27.78
N VAL A 24 8.90 -9.09 26.68
CA VAL A 24 7.57 -9.59 26.54
C VAL A 24 7.65 -11.05 26.13
N LEU A 25 8.37 -11.38 25.07
CA LEU A 25 8.28 -12.72 24.47
C LEU A 25 8.76 -13.82 25.48
N SER A 26 9.79 -13.51 26.25
CA SER A 26 10.40 -14.54 27.14
C SER A 26 9.51 -14.93 28.30
N LYS A 27 8.50 -14.13 28.56
CA LYS A 27 7.59 -14.32 29.67
C LYS A 27 6.29 -14.84 29.12
N GLY A 28 6.26 -15.24 27.82
CA GLY A 28 5.06 -15.76 27.19
C GLY A 28 4.05 -14.76 26.70
N GLY A 29 4.43 -13.48 26.59
CA GLY A 29 3.60 -12.49 26.05
C GLY A 29 3.35 -12.57 24.57
N LYS A 30 2.38 -11.77 24.11
CA LYS A 30 1.96 -11.77 22.69
C LYS A 30 2.98 -11.12 21.76
N ALA A 31 3.16 -11.71 20.59
CA ALA A 31 3.98 -11.10 19.55
C ALA A 31 3.57 -9.67 19.32
N LEU A 32 2.28 -9.37 19.29
CA LEU A 32 1.87 -8.00 19.01
C LEU A 32 2.35 -6.99 20.04
N ASP A 33 2.31 -7.35 21.31
CA ASP A 33 2.79 -6.49 22.35
C ASP A 33 4.30 -6.35 22.26
N ALA A 34 4.98 -7.43 21.93
CA ALA A 34 6.48 -7.46 21.87
C ALA A 34 6.96 -6.49 20.77
N VAL A 35 6.32 -6.58 19.59
CA VAL A 35 6.78 -5.76 18.45
C VAL A 35 6.51 -4.31 18.67
N GLU A 36 5.38 -3.98 19.28
CA GLU A 36 5.07 -2.61 19.64
C GLU A 36 6.10 -2.04 20.63
N LYS A 37 6.33 -2.75 21.73
CA LYS A 37 7.35 -2.33 22.71
C LYS A 37 8.70 -2.20 22.08
N GLY A 38 9.11 -3.16 21.25
CA GLY A 38 10.39 -3.10 20.63
C GLY A 38 10.61 -1.84 19.84
N VAL A 39 9.73 -1.57 18.89
CA VAL A 39 10.00 -0.40 18.00
C VAL A 39 9.78 0.93 18.72
N ARG A 40 8.99 0.96 19.78
CA ARG A 40 8.83 2.22 20.54
C ARG A 40 10.14 2.64 21.17
N LEU A 41 11.05 1.72 21.43
CA LEU A 41 12.36 2.08 22.00
C LEU A 41 13.08 3.06 21.06
N VAL A 42 12.94 2.81 19.77
CA VAL A 42 13.64 3.57 18.74
C VAL A 42 12.90 4.84 18.42
N GLU A 43 11.57 4.81 18.42
CA GLU A 43 10.75 5.98 18.28
C GLU A 43 11.12 6.98 19.38
N ASP A 44 11.39 6.46 20.57
CA ASP A 44 11.50 7.36 21.72
C ASP A 44 12.87 7.98 21.79
N ASP A 45 13.84 7.41 21.12
CA ASP A 45 15.24 7.78 21.29
C ASP A 45 15.58 8.89 20.26
N PRO A 46 15.87 10.09 20.73
CA PRO A 46 16.13 11.17 19.80
C PRO A 46 17.43 11.02 19.02
N THR A 47 18.33 10.12 19.46
CA THR A 47 19.58 9.86 18.78
C THR A 47 19.44 8.87 17.63
N GLU A 48 18.25 8.24 17.54
CA GLU A 48 17.89 7.42 16.40
C GLU A 48 17.12 8.33 15.46
N ARG A 49 17.82 8.72 14.40
CA ARG A 49 17.42 9.79 13.55
C ARG A 49 16.60 9.36 12.36
N SER A 50 16.24 8.06 12.29
CA SER A 50 15.44 7.58 11.14
C SER A 50 14.10 7.07 11.60
N VAL A 51 13.75 7.29 12.85
CA VAL A 51 12.54 6.82 13.50
C VAL A 51 12.04 7.78 14.55
N GLY A 52 10.78 8.11 14.52
CA GLY A 52 10.13 8.88 15.57
C GLY A 52 10.80 10.18 15.97
N TYR A 53 10.96 10.37 17.27
CA TYR A 53 11.54 11.59 17.88
C TYR A 53 12.99 11.77 17.44
N GLY A 54 13.82 10.80 17.26
CA GLY A 54 15.03 11.38 16.35
C GLY A 54 14.89 12.27 14.98
N GLY A 55 13.72 12.09 14.38
CA GLY A 55 13.66 11.93 12.89
C GLY A 55 13.98 13.16 12.06
N ARG A 56 14.68 12.97 10.96
CA ARG A 56 15.12 14.10 10.07
C ARG A 56 13.83 14.53 9.37
N PRO A 57 13.51 15.83 9.42
CA PRO A 57 12.30 16.40 8.88
C PRO A 57 12.28 16.39 7.33
N ASP A 58 11.09 16.62 6.80
CA ASP A 58 10.92 16.87 5.41
C ASP A 58 11.55 18.21 5.02
N ARG A 59 11.54 18.49 3.74
CA ARG A 59 12.25 19.72 3.26
C ARG A 59 11.74 21.02 3.84
N ASP A 60 10.49 21.05 4.31
CA ASP A 60 9.92 22.23 4.93
C ASP A 60 10.13 22.25 6.44
N GLY A 61 10.93 21.32 6.97
CA GLY A 61 11.20 21.29 8.35
C GLY A 61 10.21 20.58 9.25
N ARG A 62 9.27 19.80 8.69
CA ARG A 62 8.21 19.16 9.45
C ARG A 62 8.61 17.66 9.58
N VAL A 63 8.64 17.19 10.81
CA VAL A 63 8.88 15.77 11.04
C VAL A 63 7.52 15.05 10.83
N THR A 64 7.48 14.19 9.78
CA THR A 64 6.23 13.49 9.47
C THR A 64 6.58 12.02 9.47
N LEU A 65 5.77 11.30 10.27
CA LEU A 65 6.02 9.86 10.58
C LEU A 65 5.02 8.95 9.90
N ASP A 66 5.54 7.74 9.64
CA ASP A 66 4.71 6.69 8.95
C ASP A 66 4.88 5.41 9.75
N ALA A 67 3.80 4.67 9.99
CA ALA A 67 3.92 3.39 10.71
C ALA A 67 2.74 2.49 10.33
N CYS A 68 2.97 1.18 10.40
CA CYS A 68 1.89 0.22 10.34
C CYS A 68 2.15 -0.97 11.21
N ILE A 69 1.09 -1.71 11.50
CA ILE A 69 1.14 -2.84 12.43
C ILE A 69 0.20 -3.88 11.91
N MET A 70 0.58 -5.12 12.18
CA MET A 70 -0.26 -6.23 11.67
C MET A 70 -0.20 -7.32 12.71
N ASP A 71 -1.36 -7.85 13.13
CA ASP A 71 -1.37 -8.92 14.15
C ASP A 71 -1.55 -10.30 13.60
N GLU A 72 -1.83 -11.24 14.51
CA GLU A 72 -1.88 -12.68 14.17
C GLU A 72 -3.21 -13.08 13.59
N ASN A 73 -4.12 -12.14 13.43
CA ASN A 73 -5.37 -12.54 12.74
C ASN A 73 -5.87 -11.51 11.75
N TYR A 74 -4.92 -11.09 10.91
CA TYR A 74 -5.11 -10.30 9.73
C TYR A 74 -5.69 -8.97 10.04
N ASN A 75 -5.60 -8.51 11.29
CA ASN A 75 -5.95 -7.14 11.62
C ASN A 75 -4.75 -6.26 11.30
N ILE A 76 -5.03 -5.05 10.86
CA ILE A 76 -4.02 -4.09 10.43
C ILE A 76 -4.39 -2.68 10.85
N GLY A 77 -3.39 -1.84 11.11
CA GLY A 77 -3.64 -0.39 11.21
C GLY A 77 -2.42 0.32 10.63
N SER A 78 -2.63 1.52 10.11
CA SER A 78 -1.57 2.31 9.51
C SER A 78 -1.84 3.77 9.66
N VAL A 79 -0.76 4.50 9.90
CA VAL A 79 -0.80 5.93 9.83
C VAL A 79 0.33 6.44 8.96
N ALA A 80 0.11 7.53 8.25
CA ALA A 80 1.13 8.09 7.36
C ALA A 80 1.15 9.63 7.41
N CYS A 81 2.33 10.17 7.26
CA CYS A 81 2.53 11.63 7.25
C CYS A 81 1.86 12.27 8.46
N MET A 82 2.17 11.70 9.63
CA MET A 82 1.57 12.17 10.88
C MET A 82 2.60 13.00 11.65
N GLU A 83 2.15 14.21 12.07
CA GLU A 83 3.00 15.07 12.87
C GLU A 83 2.64 14.99 14.36
N HIS A 84 3.66 15.38 15.14
CA HIS A 84 3.55 15.66 16.57
C HIS A 84 3.32 14.50 17.55
N ILE A 85 3.34 13.24 17.09
CA ILE A 85 3.10 12.12 17.96
C ILE A 85 4.31 11.24 17.90
N LYS A 86 4.93 11.03 19.04
CA LYS A 86 6.26 10.42 19.11
C LYS A 86 6.23 8.91 18.79
N ASN A 87 5.07 8.30 19.09
CA ASN A 87 4.85 6.84 18.94
C ASN A 87 3.78 6.45 17.92
N PRO A 88 4.12 6.65 16.63
CA PRO A 88 3.12 6.39 15.58
C PRO A 88 2.75 4.89 15.61
N ILE A 89 3.69 3.99 15.99
CA ILE A 89 3.26 2.55 16.02
C ILE A 89 2.06 2.32 16.88
N SER A 90 2.00 3.07 17.98
CA SER A 90 0.90 2.94 18.93
C SER A 90 -0.40 3.59 18.42
N VAL A 91 -0.24 4.65 17.64
CA VAL A 91 -1.41 5.19 16.95
C VAL A 91 -1.97 4.18 15.93
N ALA A 92 -1.05 3.58 15.18
CA ALA A 92 -1.43 2.51 14.26
C ALA A 92 -2.13 1.37 14.93
N ARG A 93 -1.63 0.99 16.11
CA ARG A 93 -2.30 -0.03 16.93
C ARG A 93 -3.73 0.37 17.32
N ALA A 94 -3.90 1.65 17.69
CA ALA A 94 -5.25 2.11 18.01
C ALA A 94 -6.15 2.15 16.79
N VAL A 95 -5.62 2.51 15.60
CA VAL A 95 -6.35 2.40 14.33
C VAL A 95 -6.81 0.94 14.12
N MET A 96 -5.86 0.01 14.30
CA MET A 96 -6.17 -1.37 14.14
C MET A 96 -7.28 -1.80 15.08
N GLU A 97 -7.26 -1.36 16.33
CA GLU A 97 -8.25 -1.84 17.32
C GLU A 97 -9.59 -1.11 17.22
N LYS A 98 -9.59 0.16 16.79
CA LYS A 98 -10.83 0.98 16.74
C LYS A 98 -11.32 1.18 15.33
N VAL A 102 -8.50 1.50 8.15
CA VAL A 102 -7.47 0.78 8.50
C VAL A 102 -6.29 1.81 8.29
N MET A 103 -6.36 2.85 7.45
CA MET A 103 -5.24 3.81 7.23
C MET A 103 -5.66 5.27 7.33
N LEU A 104 -4.97 6.00 8.18
CA LEU A 104 -5.22 7.46 8.27
C LEU A 104 -3.99 8.23 7.92
N VAL A 105 -4.14 9.38 7.28
CA VAL A 105 -3.01 10.19 6.92
C VAL A 105 -3.18 11.63 7.30
N GLY A 106 -2.06 12.28 7.39
CA GLY A 106 -1.98 13.71 7.60
C GLY A 106 -2.69 14.23 8.82
N ASP A 107 -3.37 15.36 8.67
CA ASP A 107 -4.02 15.96 9.82
C ASP A 107 -5.00 14.99 10.50
N GLY A 108 -5.76 14.24 9.70
CA GLY A 108 -6.70 13.30 10.22
C GLY A 108 -6.07 12.25 11.16
N ALA A 109 -4.86 11.78 10.82
CA ALA A 109 -4.13 10.84 11.67
C ALA A 109 -3.86 11.47 13.08
N LEU A 110 -3.39 12.71 13.05
CA LEU A 110 -3.16 13.42 14.31
C LEU A 110 -4.45 13.62 15.06
N GLU A 111 -5.53 14.00 14.38
CA GLU A 111 -6.81 14.19 15.07
C GLU A 111 -7.22 12.92 15.80
N PHE A 112 -7.14 11.77 15.10
CA PHE A 112 -7.50 10.50 15.71
C PHE A 112 -6.57 10.21 16.90
N ALA A 113 -5.25 10.41 16.72
CA ALA A 113 -4.34 10.21 17.85
C ALA A 113 -4.77 10.99 19.09
N LEU A 114 -5.08 12.26 18.87
CA LEU A 114 -5.50 13.12 19.99
C LEU A 114 -6.76 12.65 20.65
N SER A 115 -7.70 12.12 19.87
CA SER A 115 -8.92 11.60 20.40
C SER A 115 -8.74 10.35 21.28
N GLN A 116 -7.64 9.60 21.05
CA GLN A 116 -7.30 8.40 21.77
C GLN A 116 -6.35 8.63 22.92
N GLY A 117 -6.11 9.89 23.26
CA GLY A 117 -5.28 10.22 24.42
C GLY A 117 -3.81 10.46 24.23
N PHE A 118 -3.30 10.38 23.00
CA PHE A 118 -1.94 10.68 22.73
C PHE A 118 -1.70 12.19 22.85
N LYS A 119 -0.49 12.58 23.17
CA LYS A 119 -0.22 14.01 23.30
C LYS A 119 0.69 14.55 22.25
N LYS A 120 0.42 15.81 21.82
CA LYS A 120 1.33 16.53 20.97
C LYS A 120 2.65 16.78 21.63
N GLU A 121 3.71 16.54 20.88
CA GLU A 121 5.07 16.81 21.28
C GLU A 121 5.82 17.39 20.12
N ASN A 122 6.86 18.15 20.42
CA ASN A 122 7.73 18.66 19.39
C ASN A 122 8.75 17.62 19.08
N LEU A 123 8.63 16.96 17.91
CA LEU A 123 9.55 15.92 17.49
C LEU A 123 10.86 16.42 16.81
N LEU A 124 10.98 17.73 16.49
CA LEU A 124 12.20 18.31 15.90
C LEU A 124 13.23 18.65 16.99
N THR A 125 14.24 17.81 17.12
CA THR A 125 15.36 18.07 18.02
C THR A 125 16.25 19.24 17.49
N ALA A 126 17.03 19.83 18.39
CA ALA A 126 17.96 20.88 17.96
C ALA A 126 18.89 20.39 16.89
N GLU A 127 19.39 19.17 17.06
CA GLU A 127 20.26 18.59 16.09
C GLU A 127 19.60 18.47 14.71
N SER A 128 18.37 17.92 14.68
CA SER A 128 17.69 17.82 13.39
C SER A 128 17.39 19.16 12.72
N GLU A 129 17.04 20.12 13.52
CA GLU A 129 16.82 21.48 13.03
C GLU A 129 18.08 22.04 12.41
N LYS A 130 19.18 21.89 13.14
CA LYS A 130 20.45 22.35 12.67
C LYS A 130 20.80 21.75 11.33
N GLU A 131 20.72 20.41 11.24
CA GLU A 131 21.07 19.70 10.02
C GLU A 131 20.15 20.04 8.85
N TRP A 132 18.89 20.29 9.16
CA TRP A 132 17.94 20.67 8.14
C TRP A 132 18.37 21.99 7.51
N LYS A 133 18.71 22.94 8.37
CA LYS A 133 19.14 24.26 7.89
C LYS A 133 20.43 24.23 7.05
N GLU A 134 21.39 23.37 7.39
CA GLU A 134 22.57 23.16 6.50
C GLU A 134 22.20 22.59 5.13
N TRP A 135 21.26 21.64 5.13
CA TRP A 135 20.82 21.06 3.87
C TRP A 135 20.14 22.13 2.96
N LEU A 136 19.32 23.00 3.57
CA LEU A 136 18.66 24.15 2.90
C LEU A 136 19.65 25.06 2.20
N LYS A 137 20.81 25.26 2.82
CA LYS A 137 21.90 26.06 2.22
C LYS A 137 22.55 25.42 0.98
N THR A 138 22.61 24.09 0.87
CA THR A 138 23.25 23.43 -0.29
C THR A 138 22.32 23.30 -1.53
N THR B 1 14.09 3.97 9.37
CA THR B 1 13.00 2.98 9.54
C THR B 1 13.47 1.83 10.42
N ILE B 2 12.57 1.34 11.26
CA ILE B 2 12.74 0.01 11.87
C ILE B 2 11.54 -0.83 11.52
N GLY B 3 11.85 -2.03 11.10
CA GLY B 3 10.85 -3.07 10.92
C GLY B 3 11.15 -4.19 11.88
N MET B 4 10.10 -4.80 12.48
CA MET B 4 10.25 -5.86 13.51
C MET B 4 9.15 -6.90 13.37
N ILE B 5 9.55 -8.15 13.30
CA ILE B 5 8.61 -9.28 13.21
C ILE B 5 8.90 -10.30 14.29
N ALA B 6 7.87 -10.95 14.82
CA ALA B 6 8.09 -11.87 15.91
C ALA B 6 7.09 -13.02 15.86
N LEU B 7 7.52 -14.16 16.38
CA LEU B 7 6.77 -15.37 16.61
C LEU B 7 6.81 -15.64 18.12
N ASP B 8 5.63 -15.67 18.73
CA ASP B 8 5.55 -15.78 20.19
C ASP B 8 5.45 -17.26 20.62
N ALA B 9 5.34 -17.46 21.93
CA ALA B 9 5.34 -18.82 22.52
C ALA B 9 4.07 -19.57 22.15
N GLN B 10 3.01 -18.86 21.75
CA GLN B 10 1.81 -19.52 21.22
C GLN B 10 1.89 -19.88 19.80
N GLY B 11 3.00 -19.52 19.13
CA GLY B 11 3.12 -19.79 17.70
C GLY B 11 2.44 -18.75 16.79
N ASN B 12 2.16 -17.56 17.34
CA ASN B 12 1.50 -16.46 16.59
C ASN B 12 2.53 -15.43 16.13
N LEU B 13 2.27 -14.89 14.96
CA LEU B 13 3.12 -13.84 14.37
C LEU B 13 2.48 -12.48 14.53
N SER B 14 3.34 -11.45 14.60
CA SER B 14 2.89 -10.08 14.45
C SER B 14 4.07 -9.27 13.93
N GLY B 15 3.82 -8.04 13.45
CA GLY B 15 4.90 -7.19 13.01
C GLY B 15 4.57 -5.71 13.14
N ALA B 16 5.62 -4.88 13.10
CA ALA B 16 5.52 -3.44 13.28
C ALA B 16 6.58 -2.79 12.38
N CYS B 17 6.24 -1.65 11.81
CA CYS B 17 7.19 -0.90 10.95
C CYS B 17 6.95 0.57 11.27
N THR B 18 7.98 1.36 11.57
CA THR B 18 7.80 2.74 11.93
C THR B 18 9.01 3.55 11.44
N THR B 19 8.79 4.77 10.91
CA THR B 19 9.82 5.56 10.31
C THR B 19 9.52 7.03 10.30
N SER B 20 10.61 7.82 10.14
CA SER B 20 10.50 9.22 9.83
C SER B 20 10.69 9.49 8.37
N GLY B 21 10.84 8.44 7.56
CA GLY B 21 10.99 8.52 6.17
C GLY B 21 12.24 9.21 5.69
N MET B 22 12.29 9.44 4.36
CA MET B 22 13.49 10.00 3.71
C MET B 22 13.74 11.41 4.22
N ALA B 23 14.97 11.63 4.64
CA ALA B 23 15.36 12.97 5.06
C ALA B 23 15.13 13.99 3.97
N TYR B 24 14.47 15.05 4.32
CA TYR B 24 14.29 16.21 3.43
C TYR B 24 13.44 15.89 2.20
N LYS B 25 12.52 14.95 2.40
CA LYS B 25 11.53 14.58 1.42
C LYS B 25 10.60 15.74 1.12
N MET B 26 9.92 15.69 -0.03
CA MET B 26 8.83 16.61 -0.25
C MET B 26 7.74 16.50 0.79
N HIS B 27 7.12 17.61 1.18
CA HIS B 27 6.05 17.51 2.12
C HIS B 27 4.95 16.56 1.61
N GLY B 28 4.50 15.63 2.47
CA GLY B 28 3.43 14.70 2.07
C GLY B 28 3.96 13.40 1.49
N ARG B 29 5.27 13.20 1.37
CA ARG B 29 5.84 11.97 0.78
CA ARG B 29 5.82 11.97 0.78
C ARG B 29 5.64 10.81 1.75
N VAL B 30 5.11 9.69 1.22
CA VAL B 30 4.94 8.49 2.05
C VAL B 30 5.72 7.39 1.31
N GLY B 31 6.54 6.69 2.11
CA GLY B 31 7.27 5.52 1.60
C GLY B 31 6.54 4.20 1.83
N ASP B 32 7.33 3.14 1.88
CA ASP B 32 6.82 1.79 2.04
C ASP B 32 6.37 1.42 3.43
N SER B 33 6.86 2.13 4.44
CA SER B 33 6.73 1.67 5.79
C SER B 33 5.33 1.52 6.34
N PRO B 34 4.35 2.32 5.89
CA PRO B 34 2.99 2.19 6.41
C PRO B 34 2.06 1.37 5.51
N ILE B 35 2.65 0.80 4.44
CA ILE B 35 1.86 0.19 3.37
C ILE B 35 1.99 -1.34 3.58
N ILE B 36 0.85 -1.96 3.83
CA ILE B 36 0.73 -3.38 4.06
C ILE B 36 1.11 -4.15 2.83
N GLY B 37 0.77 -3.83 1.66
CA GLY B 37 1.87 -4.76 0.82
C GLY B 37 3.55 -4.92 0.98
N ALA B 38 4.07 -3.83 1.50
CA ALA B 38 5.29 -3.21 1.06
C ALA B 38 6.27 -3.29 2.17
N GLY B 39 6.23 -2.41 3.14
CA GLY B 39 7.19 -2.43 4.25
C GLY B 39 6.98 -3.60 5.20
N LEU B 40 5.79 -4.13 5.29
CA LEU B 40 5.48 -5.14 6.30
C LEU B 40 4.38 -6.03 5.80
N PHE B 41 4.44 -7.36 6.00
CA PHE B 41 3.30 -8.24 5.81
C PHE B 41 3.39 -9.42 6.75
N VAL B 42 2.27 -9.81 7.28
CA VAL B 42 2.05 -10.88 8.22
C VAL B 42 0.86 -11.75 7.84
N ASP B 43 1.07 -13.02 7.71
CA ASP B 43 -0.02 -13.96 7.55
C ASP B 43 0.25 -15.09 8.54
N ASN B 44 -0.62 -15.24 9.57
CA ASN B 44 -0.35 -16.13 10.64
C ASN B 44 -0.31 -17.59 10.24
N GLU B 45 -0.80 -17.94 9.07
CA GLU B 45 -0.68 -19.32 8.63
C GLU B 45 0.64 -19.65 7.95
N ILE B 46 1.41 -18.61 7.63
CA ILE B 46 2.55 -18.73 6.70
C ILE B 46 3.81 -18.13 7.28
N GLY B 47 3.75 -16.84 7.64
CA GLY B 47 4.99 -16.17 8.05
C GLY B 47 4.87 -14.69 7.98
N ALA B 48 5.98 -14.01 8.17
CA ALA B 48 6.03 -12.53 8.18
C ALA B 48 7.30 -12.03 7.51
N ALA B 49 7.29 -10.82 6.99
CA ALA B 49 8.46 -10.21 6.43
C ALA B 49 8.37 -8.72 6.60
N THR B 50 9.53 -8.12 6.70
CA THR B 50 9.63 -6.62 6.76
C THR B 50 10.83 -6.20 5.93
N ALA B 51 10.80 -4.95 5.39
CA ALA B 51 11.75 -4.48 4.37
C ALA B 51 12.78 -3.41 4.79
N THR B 52 13.85 -3.28 4.03
CA THR B 52 14.81 -2.15 4.14
C THR B 52 15.10 -1.65 2.79
N GLY B 53 15.53 -0.38 2.72
CA GLY B 53 15.96 0.22 1.51
C GLY B 53 15.13 1.39 1.00
N HIS B 54 15.32 1.63 -0.29
CA HIS B 54 14.60 2.74 -0.92
C HIS B 54 13.11 2.42 -0.93
N GLY B 55 12.39 3.30 -0.26
CA GLY B 55 10.93 3.08 -0.13
C GLY B 55 10.14 2.94 -1.41
N GLU B 56 10.41 3.82 -2.36
N GLU B 56 10.43 3.81 -2.37
CA GLU B 56 9.81 3.76 -3.69
CA GLU B 56 9.79 3.75 -3.69
C GLU B 56 9.96 2.42 -4.42
C GLU B 56 9.97 2.42 -4.42
N GLU B 57 11.10 1.77 -4.23
CA GLU B 57 11.38 0.47 -4.82
C GLU B 57 10.63 -0.68 -4.12
N VAL B 58 10.54 -0.57 -2.80
CA VAL B 58 9.80 -1.60 -2.06
C VAL B 58 8.27 -1.52 -2.38
N ILE B 59 7.77 -0.30 -2.59
CA ILE B 59 6.38 -0.10 -2.93
C ILE B 59 6.11 -0.66 -4.33
N ARG B 60 6.99 -0.34 -5.32
CA ARG B 60 6.72 -0.72 -6.70
C ARG B 60 6.75 -2.23 -6.88
N THR B 61 7.51 -2.92 -6.00
CA THR B 61 7.58 -4.39 -6.09
C THR B 61 6.75 -5.09 -5.06
N VAL B 62 6.03 -4.35 -4.17
CA VAL B 62 5.13 -4.96 -3.19
C VAL B 62 5.90 -6.07 -2.41
N GLY B 63 7.08 -5.68 -1.94
CA GLY B 63 8.11 -6.64 -1.65
C GLY B 63 7.80 -7.62 -0.56
N THR B 64 7.19 -7.20 0.56
CA THR B 64 6.95 -8.14 1.67
C THR B 64 5.81 -9.06 1.39
N HIS B 65 4.83 -8.66 0.58
CA HIS B 65 3.79 -9.58 0.22
C HIS B 65 4.42 -10.66 -0.65
N LEU B 66 5.28 -10.26 -1.56
CA LEU B 66 5.98 -11.23 -2.45
C LEU B 66 6.77 -12.23 -1.57
N VAL B 67 7.49 -11.77 -0.58
CA VAL B 67 8.25 -12.69 0.26
C VAL B 67 7.33 -13.73 0.91
N VAL B 68 6.25 -13.27 1.55
CA VAL B 68 5.33 -14.15 2.25
C VAL B 68 4.68 -15.11 1.25
N GLU B 69 4.30 -14.61 0.08
CA GLU B 69 3.72 -15.52 -0.93
C GLU B 69 4.72 -16.60 -1.36
N LEU B 70 5.98 -16.29 -1.43
CA LEU B 70 7.02 -17.26 -1.80
C LEU B 70 7.14 -18.30 -0.69
N MET B 71 7.06 -17.86 0.57
CA MET B 71 7.00 -18.80 1.66
C MET B 71 5.74 -19.68 1.60
N ASN B 72 4.62 -19.10 1.22
CA ASN B 72 3.36 -19.83 1.05
C ASN B 72 3.55 -20.94 0.03
N GLN B 73 4.24 -20.66 -1.03
CA GLN B 73 4.54 -21.69 -2.06
C GLN B 73 5.54 -22.73 -1.60
N GLY B 74 6.22 -22.48 -0.51
CA GLY B 74 7.11 -23.40 0.13
C GLY B 74 8.57 -23.06 0.15
N ARG B 75 8.94 -21.84 -0.26
CA ARG B 75 10.28 -21.35 -0.02
C ARG B 75 10.55 -21.19 1.47
N THR B 76 11.75 -21.52 1.89
CA THR B 76 12.22 -21.15 3.19
C THR B 76 12.34 -19.62 3.26
N PRO B 77 12.33 -19.09 4.51
CA PRO B 77 12.48 -17.66 4.65
C PRO B 77 13.67 -17.10 3.91
N GLN B 78 14.84 -17.76 3.96
CA GLN B 78 16.03 -17.29 3.25
C GLN B 78 15.80 -17.38 1.74
N GLN B 79 15.27 -18.49 1.27
CA GLN B 79 14.99 -18.64 -0.15
C GLN B 79 14.04 -17.53 -0.63
N ALA B 80 13.00 -17.22 0.18
CA ALA B 80 11.99 -16.25 -0.26
C ALA B 80 12.54 -14.82 -0.31
N CYS B 81 13.39 -14.46 0.64
CA CYS B 81 14.02 -13.17 0.59
C CYS B 81 14.92 -13.12 -0.66
N LYS B 82 15.69 -14.17 -0.88
CA LYS B 82 16.62 -14.18 -2.00
C LYS B 82 15.86 -14.08 -3.31
N GLU B 83 14.85 -14.93 -3.50
CA GLU B 83 14.11 -14.89 -4.76
C GLU B 83 13.43 -13.53 -4.92
N ALA B 84 12.93 -12.94 -3.85
CA ALA B 84 12.29 -11.65 -3.95
C ALA B 84 13.29 -10.62 -4.42
N VAL B 85 14.45 -10.53 -3.81
CA VAL B 85 15.49 -9.61 -4.29
C VAL B 85 15.84 -9.93 -5.74
N GLU B 86 15.95 -11.22 -6.10
CA GLU B 86 16.36 -11.60 -7.53
C GLU B 86 15.33 -11.15 -8.55
N ARG B 87 14.06 -11.30 -8.21
CA ARG B 87 12.99 -10.77 -9.10
C ARG B 87 13.10 -9.28 -9.21
N ILE B 88 13.43 -8.62 -8.14
CA ILE B 88 13.54 -7.21 -8.09
C ILE B 88 14.77 -6.66 -8.92
N VAL B 89 15.90 -7.35 -8.80
CA VAL B 89 17.08 -7.02 -9.68
C VAL B 89 16.65 -7.06 -11.16
N LYS B 90 15.86 -8.02 -11.53
CA LYS B 90 15.40 -8.14 -12.89
C LYS B 90 14.55 -6.92 -13.30
N ILE B 91 13.70 -6.46 -12.40
CA ILE B 91 12.92 -5.26 -12.63
C ILE B 91 13.75 -3.98 -12.73
N VAL B 92 14.76 -3.84 -11.87
CA VAL B 92 15.66 -2.73 -11.94
C VAL B 92 16.31 -2.68 -13.34
N ASN B 93 16.68 -3.84 -13.86
CA ASN B 93 17.34 -3.95 -15.16
C ASN B 93 16.33 -3.58 -16.28
N ARG B 94 15.14 -4.16 -16.21
CA ARG B 94 14.03 -3.83 -17.17
C ARG B 94 13.80 -2.29 -17.20
N ARG B 95 13.98 -1.60 -16.09
CA ARG B 95 13.83 -0.15 -15.99
C ARG B 95 15.00 0.70 -16.48
N GLY B 96 16.12 0.08 -16.80
CA GLY B 96 17.30 0.79 -17.25
C GLY B 96 18.03 1.51 -16.15
N LYS B 97 17.89 1.06 -14.88
CA LYS B 97 18.53 1.70 -13.78
C LYS B 97 19.75 0.87 -13.34
N ASN B 98 20.55 1.54 -12.55
CA ASN B 98 21.78 0.94 -11.97
C ASN B 98 21.52 0.40 -10.58
N LEU B 99 21.79 -0.91 -10.40
CA LEU B 99 21.65 -1.61 -9.10
C LEU B 99 22.35 -0.89 -7.99
N LYS B 100 23.46 -0.22 -8.33
CA LYS B 100 24.20 0.46 -7.36
C LYS B 100 23.45 1.60 -6.68
N ASP B 101 22.44 2.17 -7.38
CA ASP B 101 21.61 3.23 -6.87
C ASP B 101 20.40 2.78 -6.07
N ILE B 102 20.18 1.46 -5.97
CA ILE B 102 18.98 0.84 -5.44
C ILE B 102 19.41 -0.10 -4.31
N GLN B 103 19.01 0.15 -3.08
CA GLN B 103 18.98 -0.90 -2.01
C GLN B 103 17.54 -1.38 -1.74
N VAL B 104 17.31 -2.71 -1.80
CA VAL B 104 16.02 -3.35 -1.34
C VAL B 104 16.51 -4.63 -0.69
N GLY B 105 16.00 -4.94 0.48
CA GLY B 105 16.27 -6.22 1.18
C GLY B 105 15.09 -6.47 2.12
N PHE B 106 15.15 -7.60 2.77
CA PHE B 106 14.07 -8.17 3.49
C PHE B 106 14.56 -9.06 4.59
N ILE B 107 13.78 -9.15 5.66
CA ILE B 107 13.97 -10.16 6.71
C ILE B 107 12.65 -10.88 6.83
N ALA B 108 12.69 -12.19 7.14
CA ALA B 108 11.49 -13.02 7.14
C ALA B 108 11.54 -14.11 8.18
N LEU B 109 10.35 -14.49 8.67
CA LEU B 109 10.19 -15.53 9.67
C LEU B 109 8.94 -16.34 9.35
N ASN B 110 9.08 -17.66 9.36
CA ASN B 110 7.93 -18.58 9.04
C ASN B 110 7.35 -19.10 10.36
N LYS B 111 6.27 -19.88 10.21
CA LYS B 111 5.53 -20.39 11.40
C LYS B 111 6.33 -21.34 12.25
N LYS B 112 7.33 -21.96 11.66
CA LYS B 112 8.25 -22.80 12.41
C LYS B 112 9.38 -22.08 13.13
N GLY B 113 9.48 -20.75 12.97
CA GLY B 113 10.56 -19.96 13.54
C GLY B 113 11.89 -20.03 12.79
N GLU B 114 11.80 -20.55 11.57
CA GLU B 114 12.96 -20.41 10.68
C GLU B 114 13.01 -18.94 10.25
N TYR B 115 14.20 -18.42 9.99
CA TYR B 115 14.34 -17.06 9.55
C TYR B 115 15.31 -16.91 8.38
N GLY B 116 15.27 -15.76 7.74
CA GLY B 116 16.14 -15.49 6.63
C GLY B 116 16.17 -14.06 6.32
N ALA B 117 17.12 -13.73 5.44
CA ALA B 117 17.30 -12.35 5.03
C ALA B 117 18.06 -12.27 3.73
N TYR B 118 17.83 -11.22 2.93
CA TYR B 118 18.64 -11.05 1.74
C TYR B 118 18.55 -9.61 1.31
N CYS B 119 19.53 -9.11 0.57
CA CYS B 119 19.49 -7.68 0.06
C CYS B 119 20.14 -7.56 -1.27
N ILE B 120 19.92 -6.40 -1.93
CA ILE B 120 20.58 -6.11 -3.17
C ILE B 120 22.06 -5.85 -2.90
N GLN B 121 22.38 -5.07 -1.90
CA GLN B 121 23.73 -4.60 -1.69
C GLN B 121 24.22 -4.99 -0.29
N ASP B 122 25.53 -5.27 -0.21
CA ASP B 122 26.20 -5.54 1.04
C ASP B 122 26.09 -4.32 1.96
N GLY B 123 26.22 -4.53 3.27
CA GLY B 123 26.11 -3.47 4.24
C GLY B 123 24.88 -3.36 5.12
N PHE B 124 23.85 -4.09 4.80
CA PHE B 124 22.66 -4.18 5.70
C PHE B 124 22.96 -5.20 6.78
N ASN B 125 22.40 -4.98 7.97
CA ASN B 125 22.43 -6.05 8.98
C ASN B 125 21.08 -6.02 9.71
N PHE B 126 20.84 -7.10 10.45
CA PHE B 126 19.54 -7.31 11.14
C PHE B 126 19.81 -8.11 12.41
N ALA B 127 18.96 -7.89 13.39
CA ALA B 127 19.11 -8.50 14.67
C ALA B 127 18.10 -9.62 14.84
N VAL B 128 18.56 -10.73 15.40
CA VAL B 128 17.75 -11.87 15.67
C VAL B 128 17.90 -12.25 17.15
N HIS B 129 16.77 -12.50 17.82
CA HIS B 129 16.77 -12.90 19.26
C HIS B 129 15.89 -14.12 19.40
N ASP B 130 16.44 -15.27 19.83
CA ASP B 130 15.69 -16.46 20.15
C ASP B 130 16.36 -17.01 21.42
N GLN B 131 16.19 -18.32 21.67
CA GLN B 131 16.73 -18.83 22.91
C GLN B 131 18.23 -18.93 22.91
N LYS B 132 18.87 -18.72 21.77
CA LYS B 132 20.33 -18.59 21.74
C LYS B 132 20.77 -17.17 22.00
N GLY B 133 19.90 -16.28 22.41
CA GLY B 133 20.20 -14.90 22.68
C GLY B 133 20.04 -14.02 21.41
N ASN B 134 20.57 -12.85 21.57
CA ASN B 134 20.36 -11.70 20.59
C ASN B 134 21.69 -11.59 19.81
N ARG B 135 21.62 -11.38 18.49
CA ARG B 135 22.81 -11.23 17.66
C ARG B 135 22.56 -10.50 16.32
N LEU B 136 23.56 -9.75 15.85
CA LEU B 136 23.47 -9.02 14.60
C LEU B 136 24.09 -9.82 13.51
N GLU B 137 23.29 -10.20 12.53
CA GLU B 137 23.68 -11.03 11.43
C GLU B 137 23.73 -10.23 10.10
N THR B 138 24.52 -10.72 9.16
CA THR B 138 24.64 -10.10 7.87
C THR B 138 24.18 -11.06 6.82
N PRO B 139 23.20 -10.65 6.00
CA PRO B 139 22.66 -11.56 5.01
C PRO B 139 23.42 -11.59 3.70
N GLY B 140 23.08 -12.55 2.86
CA GLY B 140 23.54 -12.54 1.48
C GLY B 140 23.07 -11.34 0.68
N PHE B 141 23.75 -11.09 -0.42
CA PHE B 141 23.44 -9.91 -1.22
C PHE B 141 23.71 -10.25 -2.69
N ALA B 142 22.96 -9.59 -3.55
CA ALA B 142 23.00 -9.84 -5.00
C ALA B 142 24.15 -9.11 -5.74
N LEU B 143 24.46 -7.89 -5.36
CA LEU B 143 25.36 -7.05 -6.17
C LEU B 143 26.77 -7.47 -5.71
N LYS B 144 27.38 -8.40 -6.44
CA LYS B 144 28.77 -8.79 -6.21
C LYS B 144 29.58 -7.90 -7.11
N THR C 2 -3.53 -13.64 -29.40
CA THR C 2 -3.65 -12.45 -28.51
C THR C 2 -4.85 -11.56 -28.87
N ASN C 3 -5.63 -11.18 -27.86
CA ASN C 3 -6.75 -10.30 -28.04
C ASN C 3 -6.39 -8.87 -27.62
N LYS C 4 -5.99 -8.04 -28.56
CA LYS C 4 -5.53 -6.70 -28.23
C LYS C 4 -5.89 -5.73 -29.33
N PRO C 5 -6.12 -4.48 -29.03
CA PRO C 5 -6.20 -3.91 -27.70
C PRO C 5 -7.45 -4.30 -26.99
N ILE C 6 -7.42 -4.17 -25.65
CA ILE C 6 -8.56 -4.53 -24.81
C ILE C 6 -8.48 -3.66 -23.50
N VAL C 7 -9.64 -3.29 -22.99
CA VAL C 7 -9.72 -2.53 -21.76
C VAL C 7 -10.82 -3.12 -20.94
N LEU C 8 -10.55 -3.22 -19.62
CA LEU C 8 -11.54 -3.63 -18.55
C LEU C 8 -11.68 -2.58 -17.54
N SER C 9 -12.90 -2.37 -17.03
CA SER C 9 -13.09 -1.48 -15.91
C SER C 9 -14.21 -1.94 -15.00
N THR C 10 -14.17 -1.45 -13.81
CA THR C 10 -15.06 -1.89 -12.76
C THR C 10 -16.39 -1.16 -12.80
N TRP C 11 -17.47 -1.92 -12.54
CA TRP C 11 -18.85 -1.34 -12.32
C TRP C 11 -19.52 -0.91 -13.59
N ASN C 12 -20.81 -0.64 -13.51
CA ASN C 12 -21.55 -0.40 -14.79
C ASN C 12 -21.03 0.92 -15.44
N PHE C 13 -20.57 1.91 -14.69
CA PHE C 13 -20.07 3.14 -15.30
C PHE C 13 -18.73 2.88 -16.04
N GLY C 14 -18.16 1.71 -15.86
CA GLY C 14 -17.08 1.34 -16.74
C GLY C 14 -17.44 1.15 -18.20
N LEU C 15 -18.72 0.95 -18.48
CA LEU C 15 -19.18 0.80 -19.85
C LEU C 15 -18.84 2.05 -20.69
N HIS C 16 -19.29 3.20 -20.21
CA HIS C 16 -19.06 4.51 -20.89
C HIS C 16 -17.61 4.98 -20.71
N ALA C 17 -16.98 4.65 -19.61
CA ALA C 17 -15.56 4.94 -19.44
C ALA C 17 -14.73 4.23 -20.50
N ASN C 18 -15.07 2.99 -20.78
CA ASN C 18 -14.36 2.20 -21.77
C ASN C 18 -14.44 2.83 -23.17
N VAL C 19 -15.58 3.43 -23.51
CA VAL C 19 -15.70 4.06 -24.80
C VAL C 19 -14.63 5.17 -24.91
N GLU C 20 -14.40 5.93 -23.82
CA GLU C 20 -13.39 6.97 -23.88
C GLU C 20 -11.99 6.40 -24.06
N ALA C 21 -11.70 5.33 -23.32
CA ALA C 21 -10.42 4.64 -23.40
C ALA C 21 -10.15 4.08 -24.78
N TRP C 22 -11.22 3.57 -25.41
CA TRP C 22 -11.14 3.02 -26.72
C TRP C 22 -10.81 4.07 -27.79
N LYS C 23 -11.18 5.31 -27.59
CA LYS C 23 -10.77 6.33 -28.54
C LYS C 23 -9.26 6.39 -28.66
N VAL C 24 -8.55 6.09 -27.58
CA VAL C 24 -7.08 6.03 -27.65
C VAL C 24 -6.65 4.70 -28.21
N LEU C 25 -7.17 3.60 -27.65
CA LEU C 25 -6.66 2.27 -27.97
C LEU C 25 -6.85 1.89 -29.43
N SER C 26 -8.01 2.24 -29.99
CA SER C 26 -8.36 1.83 -31.39
C SER C 26 -7.49 2.54 -32.40
N LYS C 27 -6.80 3.62 -32.00
CA LYS C 27 -5.93 4.41 -32.91
C LYS C 27 -4.49 3.99 -32.70
N GLY C 28 -4.27 2.88 -31.97
CA GLY C 28 -2.90 2.43 -31.67
C GLY C 28 -2.21 3.16 -30.53
N GLY C 29 -2.96 3.93 -29.74
CA GLY C 29 -2.39 4.69 -28.66
C GLY C 29 -1.95 3.87 -27.44
N LYS C 30 -1.31 4.51 -26.47
CA LYS C 30 -0.69 3.78 -25.36
C LYS C 30 -1.76 3.39 -24.34
N ALA C 31 -1.61 2.22 -23.74
CA ALA C 31 -2.47 1.83 -22.60
C ALA C 31 -2.50 2.90 -21.50
N LEU C 32 -1.37 3.48 -21.22
CA LEU C 32 -1.32 4.46 -20.12
C LEU C 32 -2.21 5.62 -20.43
N ASP C 33 -2.15 6.15 -21.67
CA ASP C 33 -3.01 7.25 -22.00
C ASP C 33 -4.50 6.84 -22.00
N ALA C 34 -4.79 5.65 -22.47
CA ALA C 34 -6.18 5.11 -22.54
C ALA C 34 -6.80 5.06 -21.14
N VAL C 35 -6.07 4.49 -20.16
CA VAL C 35 -6.68 4.30 -18.84
C VAL C 35 -6.79 5.66 -18.13
N GLU C 36 -5.88 6.59 -18.33
CA GLU C 36 -6.02 7.92 -17.73
C GLU C 36 -7.24 8.66 -18.33
N LYS C 37 -7.40 8.62 -19.64
CA LYS C 37 -8.60 9.30 -20.24
C LYS C 37 -9.91 8.63 -19.79
N GLY C 38 -9.91 7.30 -19.77
CA GLY C 38 -11.12 6.61 -19.41
C GLY C 38 -11.54 6.95 -18.01
N VAL C 39 -10.63 6.93 -17.01
CA VAL C 39 -11.15 7.19 -15.64
C VAL C 39 -11.42 8.66 -15.43
N ARG C 40 -10.76 9.51 -16.18
CA ARG C 40 -11.02 10.99 -16.07
C ARG C 40 -12.48 11.32 -16.41
N LEU C 41 -13.07 10.57 -17.33
CA LEU C 41 -14.45 10.79 -17.73
C LEU C 41 -15.36 10.67 -16.50
N VAL C 42 -15.07 9.69 -15.63
CA VAL C 42 -15.88 9.45 -14.45
C VAL C 42 -15.54 10.40 -13.32
N GLU C 43 -14.25 10.76 -13.16
CA GLU C 43 -13.84 11.84 -12.27
C GLU C 43 -14.59 13.14 -12.54
N ASP C 44 -14.77 13.41 -13.83
CA ASP C 44 -15.40 14.70 -14.26
C ASP C 44 -16.88 14.72 -14.02
N ASP C 45 -17.50 13.57 -13.97
CA ASP C 45 -18.97 13.41 -13.89
C ASP C 45 -19.48 13.68 -12.47
N PRO C 46 -20.17 14.84 -12.24
CA PRO C 46 -20.70 15.16 -10.87
C PRO C 46 -21.78 14.23 -10.39
N THR C 47 -22.34 13.48 -11.33
CA THR C 47 -23.39 12.52 -11.03
C THR C 47 -22.84 11.21 -10.47
N GLU C 48 -21.54 10.96 -10.67
CA GLU C 48 -20.96 9.74 -10.17
C GLU C 48 -20.31 10.13 -8.83
N ARG C 49 -20.96 9.70 -7.75
CA ARG C 49 -20.69 10.28 -6.44
C ARG C 49 -19.68 9.44 -5.69
N SER C 50 -19.02 8.46 -6.36
CA SER C 50 -17.97 7.63 -5.75
C SER C 50 -16.63 7.94 -6.35
N VAL C 51 -16.52 8.91 -7.25
CA VAL C 51 -15.26 9.20 -7.97
C VAL C 51 -15.21 10.67 -8.25
N GLY C 52 -14.10 11.32 -7.90
CA GLY C 52 -13.80 12.71 -8.27
C GLY C 52 -14.84 13.75 -7.88
N TYR C 53 -15.12 14.62 -8.87
CA TYR C 53 -16.14 15.69 -8.70
C TYR C 53 -17.49 15.07 -8.44
N GLY C 54 -18.19 15.60 -7.44
CA GLY C 54 -19.42 15.01 -6.98
C GLY C 54 -19.26 13.95 -5.87
N GLY C 55 -17.99 13.58 -5.57
CA GLY C 55 -17.70 12.58 -4.55
C GLY C 55 -18.37 12.95 -3.25
N ARG C 56 -18.97 11.96 -2.61
CA ARG C 56 -19.48 12.19 -1.23
C ARG C 56 -18.31 12.52 -0.30
N PRO C 57 -18.39 13.62 0.42
CA PRO C 57 -17.32 14.03 1.28
C PRO C 57 -17.15 13.15 2.52
N ASP C 58 -16.03 13.40 3.19
CA ASP C 58 -15.76 12.87 4.54
C ASP C 58 -16.74 13.53 5.53
N ARG C 59 -16.72 13.10 6.76
CA ARG C 59 -17.74 13.50 7.75
C ARG C 59 -17.66 14.92 8.09
N ASP C 60 -16.54 15.55 7.84
CA ASP C 60 -16.40 17.00 8.01
C ASP C 60 -16.76 17.82 6.81
N GLY C 61 -17.34 17.20 5.77
CA GLY C 61 -17.66 17.95 4.53
C GLY C 61 -16.55 18.17 3.54
N ARG C 62 -15.42 17.44 3.68
CA ARG C 62 -14.23 17.64 2.84
C ARG C 62 -14.20 16.55 1.80
N VAL C 63 -14.23 16.93 0.54
CA VAL C 63 -14.08 15.88 -0.52
C VAL C 63 -12.56 15.59 -0.67
N THR C 64 -12.16 14.40 -0.22
CA THR C 64 -10.78 13.98 -0.30
C THR C 64 -10.70 12.86 -1.31
N LEU C 65 -9.76 12.94 -2.24
CA LEU C 65 -9.66 11.88 -3.27
C LEU C 65 -8.35 11.12 -3.22
N ASP C 66 -8.42 9.90 -3.75
CA ASP C 66 -7.28 9.00 -3.74
C ASP C 66 -7.17 8.42 -5.20
N ALA C 67 -5.95 8.19 -5.68
CA ALA C 67 -5.78 7.58 -7.00
C ALA C 67 -4.40 7.06 -7.14
N CYS C 68 -4.21 6.02 -7.98
CA CYS C 68 -2.86 5.61 -8.38
C CYS C 68 -2.86 5.17 -9.82
N ILE C 69 -1.67 5.11 -10.38
CA ILE C 69 -1.47 4.76 -11.79
C ILE C 69 -0.22 3.92 -11.87
N MET C 70 -0.21 3.02 -12.86
CA MET C 70 1.00 2.14 -13.07
C MET C 70 1.11 1.86 -14.56
N ASP C 71 2.30 2.06 -15.11
CA ASP C 71 2.53 1.87 -16.57
C ASP C 71 3.13 0.51 -16.84
N GLU C 72 3.64 0.35 -18.05
CA GLU C 72 4.11 -0.94 -18.47
C GLU C 72 5.56 -1.25 -18.07
N ASN C 73 6.18 -0.35 -17.32
CA ASN C 73 7.52 -0.61 -16.88
C ASN C 73 7.79 -0.24 -15.43
N TYR C 74 6.83 -0.64 -14.63
CA TYR C 74 6.89 -0.55 -13.19
C TYR C 74 7.01 0.89 -12.68
N ASN C 75 6.64 1.86 -13.49
CA ASN C 75 6.54 3.25 -13.01
C ASN C 75 5.20 3.38 -12.31
N ILE C 76 5.16 4.03 -11.16
CA ILE C 76 3.96 4.21 -10.35
C ILE C 76 3.86 5.63 -9.83
N GLY C 77 2.64 6.11 -9.66
CA GLY C 77 2.42 7.34 -8.90
C GLY C 77 1.13 7.20 -8.16
N SER C 78 1.06 7.90 -7.03
CA SER C 78 -0.06 7.74 -6.13
C SER C 78 -0.29 9.08 -5.40
N VAL C 79 -1.55 9.44 -5.22
CA VAL C 79 -1.98 10.48 -4.33
C VAL C 79 -3.11 10.00 -3.47
N ALA C 80 -3.12 10.49 -2.25
CA ALA C 80 -4.19 10.11 -1.32
C ALA C 80 -4.60 11.30 -0.43
N CYS C 81 -5.89 11.32 -0.15
CA CYS C 81 -6.49 12.36 0.69
C CYS C 81 -6.19 13.74 0.16
N MET C 82 -6.39 13.91 -1.15
CA MET C 82 -6.07 15.16 -1.83
C MET C 82 -7.39 15.93 -2.05
N GLU C 83 -7.37 17.23 -1.78
CA GLU C 83 -8.55 18.10 -1.96
C GLU C 83 -8.36 19.05 -3.11
N HIS C 84 -9.51 19.46 -3.62
CA HIS C 84 -9.65 20.59 -4.57
C HIS C 84 -9.16 20.30 -5.96
N ILE C 85 -8.72 19.09 -6.30
CA ILE C 85 -8.23 18.80 -7.65
C ILE C 85 -9.14 17.73 -8.25
N LYS C 86 -9.79 18.07 -9.38
CA LYS C 86 -10.84 17.27 -9.96
C LYS C 86 -10.36 15.89 -10.49
N ASN C 87 -9.14 15.86 -11.01
CA ASN C 87 -8.54 14.69 -11.71
C ASN C 87 -7.32 14.15 -11.00
N PRO C 88 -7.58 13.48 -9.88
CA PRO C 88 -6.44 12.96 -9.08
C PRO C 88 -5.62 11.92 -9.90
N ILE C 89 -6.23 11.16 -10.83
CA ILE C 89 -5.43 10.26 -11.66
C ILE C 89 -4.33 10.98 -12.37
N SER C 90 -4.59 12.23 -12.76
CA SER C 90 -3.61 12.97 -13.52
C SER C 90 -2.47 13.56 -12.67
N VAL C 91 -2.81 13.87 -11.44
CA VAL C 91 -1.78 14.23 -10.47
C VAL C 91 -0.90 13.05 -10.16
N ALA C 92 -1.57 11.87 -10.04
CA ALA C 92 -0.81 10.69 -9.82
C ALA C 92 0.13 10.44 -10.97
N ARG C 93 -0.34 10.69 -12.17
CA ARG C 93 0.56 10.52 -13.28
C ARG C 93 1.73 11.51 -13.23
N ALA C 94 1.44 12.73 -12.80
CA ALA C 94 2.50 13.71 -12.60
C ALA C 94 3.48 13.27 -11.52
N VAL C 95 3.03 12.61 -10.44
CA VAL C 95 3.93 12.06 -9.44
C VAL C 95 4.82 11.03 -10.12
N MET C 96 4.21 10.15 -10.91
CA MET C 96 4.94 9.08 -11.47
C MET C 96 6.04 9.61 -12.42
N GLU C 97 5.71 10.65 -13.20
CA GLU C 97 6.65 11.15 -14.24
C GLU C 97 7.70 12.10 -13.70
N LYS C 98 7.47 12.78 -12.65
CA LYS C 98 8.34 13.75 -11.93
C LYS C 98 8.87 13.13 -10.64
N VAL C 102 6.91 8.31 -5.05
CA VAL C 102 5.93 7.67 -5.77
C VAL C 102 4.55 7.94 -5.09
N MET C 103 4.45 8.46 -3.87
CA MET C 103 3.11 8.66 -3.19
C MET C 103 3.15 9.95 -2.35
N LEU C 104 2.19 10.83 -2.61
CA LEU C 104 2.02 12.08 -1.86
C LEU C 104 0.66 12.09 -1.25
N VAL C 105 0.54 12.60 -0.01
CA VAL C 105 -0.75 12.66 0.62
C VAL C 105 -1.11 14.02 1.20
N GLY C 106 -2.40 14.25 1.37
CA GLY C 106 -2.87 15.42 2.15
C GLY C 106 -2.41 16.76 1.53
N ASP C 107 -2.08 17.73 2.36
CA ASP C 107 -1.75 19.09 1.81
C ASP C 107 -0.61 19.08 0.77
N GLY C 108 0.38 18.19 0.98
CA GLY C 108 1.50 18.08 0.16
C GLY C 108 1.16 17.66 -1.29
N ALA C 109 0.16 16.81 -1.39
CA ALA C 109 -0.30 16.33 -2.73
C ALA C 109 -0.92 17.53 -3.48
N LEU C 110 -1.74 18.29 -2.76
CA LEU C 110 -2.30 19.55 -3.35
C LEU C 110 -1.20 20.52 -3.77
N GLU C 111 -0.20 20.72 -2.92
CA GLU C 111 0.90 21.66 -3.21
C GLU C 111 1.64 21.23 -4.46
N PHE C 112 1.93 19.91 -4.62
CA PHE C 112 2.54 19.41 -5.83
C PHE C 112 1.61 19.62 -7.04
N ALA C 113 0.31 19.28 -6.90
CA ALA C 113 -0.64 19.49 -7.97
C ALA C 113 -0.61 20.94 -8.47
N LEU C 114 -0.67 21.87 -7.56
CA LEU C 114 -0.69 23.31 -7.95
C LEU C 114 0.58 23.68 -8.63
N SER C 115 1.71 23.13 -8.19
CA SER C 115 3.00 23.39 -8.80
C SER C 115 3.10 22.86 -10.24
N GLN C 116 2.27 21.85 -10.58
CA GLN C 116 2.29 21.26 -11.93
C GLN C 116 1.23 21.87 -12.82
N GLY C 117 0.51 22.87 -12.32
CA GLY C 117 -0.48 23.56 -13.14
C GLY C 117 -1.93 23.20 -12.97
N PHE C 118 -2.21 22.25 -12.09
CA PHE C 118 -3.58 21.90 -11.83
C PHE C 118 -4.24 23.03 -11.06
N LYS C 119 -5.56 23.08 -11.15
CA LYS C 119 -6.26 24.20 -10.55
C LYS C 119 -7.20 23.83 -9.44
N LYS C 120 -7.15 24.63 -8.37
CA LYS C 120 -8.07 24.50 -7.27
C LYS C 120 -9.53 24.66 -7.73
N GLU C 121 -10.38 23.74 -7.32
CA GLU C 121 -11.82 23.77 -7.62
C GLU C 121 -12.63 23.26 -6.47
N ASN C 122 -13.89 23.66 -6.40
CA ASN C 122 -14.75 23.23 -5.34
C ASN C 122 -15.34 21.95 -5.84
N LEU C 123 -14.93 20.83 -5.25
CA LEU C 123 -15.47 19.52 -5.62
C LEU C 123 -16.76 19.11 -4.98
N LEU C 124 -17.27 19.94 -4.03
CA LEU C 124 -18.50 19.61 -3.34
C LEU C 124 -19.70 20.18 -4.13
N THR C 125 -20.48 19.28 -4.70
CA THR C 125 -21.65 19.65 -5.47
C THR C 125 -22.75 20.05 -4.49
N ALA C 126 -23.72 20.82 -4.98
CA ALA C 126 -24.85 21.15 -4.12
C ALA C 126 -25.54 19.89 -3.61
N GLU C 127 -25.75 18.91 -4.50
CA GLU C 127 -26.31 17.66 -4.12
C GLU C 127 -25.49 16.98 -2.99
N SER C 128 -24.18 16.87 -3.20
CA SER C 128 -23.35 16.21 -2.15
C SER C 128 -23.34 16.93 -0.80
N GLU C 129 -23.27 18.24 -0.84
CA GLU C 129 -23.33 19.07 0.38
C GLU C 129 -24.61 18.92 1.16
N LYS C 130 -25.73 18.93 0.44
CA LYS C 130 -27.04 18.70 1.01
C LYS C 130 -27.22 17.28 1.61
N GLU C 131 -26.81 16.22 0.90
CA GLU C 131 -26.90 14.86 1.49
C GLU C 131 -25.96 14.63 2.69
N TRP C 132 -24.84 15.37 2.71
CA TRP C 132 -23.88 15.32 3.82
C TRP C 132 -24.50 15.99 5.06
N LYS C 133 -25.04 17.19 4.88
CA LYS C 133 -25.84 17.85 5.92
C LYS C 133 -27.02 17.01 6.40
N GLU C 134 -27.72 16.29 5.52
CA GLU C 134 -28.75 15.31 5.96
C GLU C 134 -28.22 14.10 6.73
N TRP C 135 -26.97 13.76 6.45
CA TRP C 135 -26.36 12.62 7.10
C TRP C 135 -26.00 12.99 8.51
N LEU C 136 -25.53 14.22 8.67
CA LEU C 136 -25.21 14.78 10.00
C LEU C 136 -26.40 14.75 10.95
N LYS C 137 -27.60 14.97 10.42
CA LYS C 137 -28.80 15.09 11.26
C LYS C 137 -29.06 13.80 12.04
N THR C 138 -28.82 12.64 11.42
CA THR C 138 -28.81 11.35 12.16
C THR C 138 -27.65 11.22 13.18
N THR D 1 -15.50 4.19 -6.63
CA THR D 1 -14.18 3.85 -7.20
C THR D 1 -14.36 3.41 -8.61
N ILE D 2 -13.43 3.79 -9.50
CA ILE D 2 -13.31 3.07 -10.77
C ILE D 2 -11.87 2.62 -10.86
N GLY D 3 -11.69 1.34 -11.21
CA GLY D 3 -10.39 0.78 -11.66
C GLY D 3 -10.49 0.41 -13.09
N MET D 4 -9.38 0.60 -13.82
CA MET D 4 -9.33 0.35 -15.27
C MET D 4 -7.96 -0.14 -15.64
N ILE D 5 -7.97 -1.23 -16.37
CA ILE D 5 -6.74 -1.85 -16.88
C ILE D 5 -6.81 -2.08 -18.39
N ALA D 6 -5.71 -1.90 -19.14
CA ALA D 6 -5.76 -2.08 -20.55
C ALA D 6 -4.47 -2.76 -21.03
N LEU D 7 -4.64 -3.35 -22.17
CA LEU D 7 -3.55 -3.90 -23.02
C LEU D 7 -3.66 -3.23 -24.38
N ASP D 8 -2.57 -2.57 -24.78
CA ASP D 8 -2.62 -1.77 -26.03
C ASP D 8 -2.13 -2.57 -27.23
N ALA D 9 -2.19 -1.89 -28.38
CA ALA D 9 -1.76 -2.54 -29.65
C ALA D 9 -0.34 -3.01 -29.67
N GLN D 10 0.52 -2.33 -28.93
CA GLN D 10 1.95 -2.76 -28.74
C GLN D 10 2.09 -4.00 -27.84
N GLY D 11 1.05 -4.40 -27.11
CA GLY D 11 1.18 -5.48 -26.15
C GLY D 11 1.62 -5.03 -24.75
N ASN D 12 1.46 -3.74 -24.49
CA ASN D 12 1.77 -3.15 -23.17
C ASN D 12 0.53 -3.00 -22.31
N LEU D 13 0.72 -3.27 -21.03
CA LEU D 13 -0.29 -3.10 -20.00
C LEU D 13 -0.13 -1.80 -19.24
N SER D 14 -1.25 -1.23 -18.77
CA SER D 14 -1.21 -0.08 -17.80
C SER D 14 -2.54 -0.05 -17.07
N GLY D 15 -2.62 0.68 -15.95
CA GLY D 15 -3.86 0.73 -15.22
C GLY D 15 -3.94 1.95 -14.41
N ALA D 16 -5.15 2.22 -13.91
CA ALA D 16 -5.51 3.39 -13.15
C ALA D 16 -6.62 3.05 -12.17
N CYS D 17 -6.60 3.74 -11.03
CA CYS D 17 -7.60 3.54 -9.98
C CYS D 17 -7.84 4.87 -9.30
N THR D 18 -9.11 5.32 -9.22
CA THR D 18 -9.42 6.61 -8.67
C THR D 18 -10.75 6.55 -7.91
N THR D 19 -10.81 7.25 -6.78
CA THR D 19 -11.94 7.24 -5.90
C THR D 19 -12.10 8.51 -5.05
N SER D 20 -13.36 8.69 -4.60
CA SER D 20 -13.61 9.62 -3.52
C SER D 20 -13.64 8.91 -2.18
N GLY D 21 -13.54 7.58 -2.14
CA GLY D 21 -13.50 6.87 -0.86
C GLY D 21 -14.86 6.74 -0.18
N MET D 22 -14.85 6.26 1.06
CA MET D 22 -16.10 5.89 1.78
C MET D 22 -16.83 7.17 2.12
N ALA D 23 -18.12 7.24 1.81
CA ALA D 23 -18.85 8.44 2.18
C ALA D 23 -18.85 8.63 3.69
N TYR D 24 -18.51 9.84 4.06
CA TYR D 24 -18.61 10.35 5.44
C TYR D 24 -17.59 9.66 6.38
N LYS D 25 -16.53 9.16 5.75
CA LYS D 25 -15.37 8.67 6.42
C LYS D 25 -14.77 9.66 7.40
N MET D 26 -13.97 9.16 8.33
CA MET D 26 -13.22 10.04 9.19
C MET D 26 -12.18 10.82 8.35
N HIS D 27 -11.90 12.06 8.68
CA HIS D 27 -10.97 12.81 7.93
C HIS D 27 -9.62 12.04 7.90
N GLY D 28 -9.02 11.96 6.70
CA GLY D 28 -7.73 11.36 6.49
C GLY D 28 -7.83 9.86 6.20
N ARG D 29 -9.01 9.29 6.11
CA ARG D 29 -9.25 7.88 5.77
CA ARG D 29 -9.14 7.87 5.78
C ARG D 29 -8.77 7.58 4.31
N VAL D 30 -7.88 6.59 4.12
CA VAL D 30 -7.45 6.15 2.81
C VAL D 30 -7.72 4.65 2.74
N GLY D 31 -8.32 4.21 1.65
CA GLY D 31 -8.52 2.87 1.32
C GLY D 31 -7.49 2.25 0.40
N ASP D 32 -7.91 1.16 -0.24
CA ASP D 32 -7.01 0.45 -1.13
C ASP D 32 -6.74 1.13 -2.47
N SER D 33 -7.54 2.06 -2.93
CA SER D 33 -7.46 2.56 -4.28
C SER D 33 -6.16 3.22 -4.68
N PRO D 34 -5.43 3.90 -3.79
CA PRO D 34 -4.16 4.47 -4.20
C PRO D 34 -2.93 3.63 -3.87
N ILE D 35 -3.15 2.41 -3.41
CA ILE D 35 -2.10 1.56 -2.93
C ILE D 35 -1.73 0.53 -3.95
N ILE D 36 -0.49 0.62 -4.43
CA ILE D 36 0.03 -0.36 -5.41
C ILE D 36 -0.02 -1.77 -4.92
N GLY D 37 0.37 -2.18 -3.79
CA GLY D 37 -0.19 -3.78 -4.00
C GLY D 37 -1.76 -4.25 -4.16
N ALA D 38 -2.65 -3.28 -3.93
CA ALA D 38 -3.96 -3.49 -3.31
C ALA D 38 -5.04 -3.14 -4.37
N GLY D 39 -5.30 -1.86 -4.63
CA GLY D 39 -6.28 -1.46 -5.59
C GLY D 39 -5.82 -1.71 -7.02
N LEU D 40 -4.53 -1.71 -7.28
CA LEU D 40 -4.00 -1.80 -8.66
C LEU D 40 -2.64 -2.44 -8.69
N PHE D 41 -2.37 -3.34 -9.65
CA PHE D 41 -1.05 -3.81 -9.91
C PHE D 41 -0.87 -4.18 -11.34
N VAL D 42 0.28 -3.88 -11.91
CA VAL D 42 0.56 -4.15 -13.30
C VAL D 42 1.98 -4.70 -13.43
N ASP D 43 2.13 -5.86 -14.03
CA ASP D 43 3.46 -6.34 -14.41
C ASP D 43 3.41 -6.71 -15.89
N ASN D 44 4.15 -5.96 -16.73
CA ASN D 44 4.06 -6.12 -18.14
C ASN D 44 4.55 -7.47 -18.62
N GLU D 45 5.19 -8.28 -17.76
CA GLU D 45 5.58 -9.63 -18.21
C GLU D 45 4.53 -10.68 -17.86
N ILE D 46 3.47 -10.23 -17.18
CA ILE D 46 2.46 -11.15 -16.66
C ILE D 46 1.01 -10.71 -16.89
N GLY D 47 0.66 -9.52 -16.46
CA GLY D 47 -0.74 -9.14 -16.48
C GLY D 47 -1.04 -8.06 -15.50
N ALA D 48 -2.30 -7.66 -15.45
CA ALA D 48 -2.71 -6.53 -14.60
C ALA D 48 -3.97 -6.90 -13.85
N ALA D 49 -4.22 -6.23 -12.73
CA ALA D 49 -5.46 -6.42 -11.98
C ALA D 49 -5.83 -5.16 -11.24
N THR D 50 -7.14 -4.96 -11.11
CA THR D 50 -7.65 -3.83 -10.30
C THR D 50 -8.77 -4.33 -9.48
N ALA D 51 -9.02 -3.64 -8.37
CA ALA D 51 -9.99 -4.05 -7.36
C ALA D 51 -10.84 -2.86 -7.00
N THR D 52 -11.96 -3.25 -6.45
CA THR D 52 -12.88 -2.30 -5.80
C THR D 52 -13.57 -3.06 -4.65
N GLY D 53 -14.08 -2.29 -3.71
CA GLY D 53 -15.03 -2.86 -2.74
C GLY D 53 -14.76 -2.20 -1.42
N HIS D 54 -15.00 -2.94 -0.35
CA HIS D 54 -14.46 -2.54 0.96
C HIS D 54 -12.91 -2.49 0.98
N GLY D 55 -12.37 -1.26 0.95
CA GLY D 55 -10.94 -0.99 0.94
C GLY D 55 -10.14 -1.74 1.98
N GLU D 56 -10.73 -1.89 3.17
CA GLU D 56 -10.08 -2.58 4.29
CA GLU D 56 -10.14 -2.56 4.32
C GLU D 56 -9.63 -4.00 3.96
N GLU D 57 -10.43 -4.73 3.19
CA GLU D 57 -10.17 -6.14 2.94
C GLU D 57 -9.18 -6.32 1.79
N VAL D 58 -9.19 -5.42 0.80
CA VAL D 58 -8.26 -5.49 -0.33
C VAL D 58 -6.80 -5.21 0.15
N ILE D 59 -6.75 -4.25 1.11
CA ILE D 59 -5.52 -3.78 1.74
C ILE D 59 -5.06 -4.93 2.53
N ARG D 60 -5.93 -5.52 3.36
CA ARG D 60 -5.43 -6.51 4.30
C ARG D 60 -4.90 -7.74 3.57
N THR D 61 -5.38 -8.00 2.33
CA THR D 61 -4.93 -9.14 1.49
C THR D 61 -4.04 -8.82 0.32
N VAL D 62 -3.74 -7.53 0.11
CA VAL D 62 -2.83 -7.11 -0.96
C VAL D 62 -3.28 -7.76 -2.30
N GLY D 63 -4.56 -7.52 -2.61
CA GLY D 63 -5.31 -8.34 -3.48
C GLY D 63 -4.87 -8.38 -4.94
N THR D 64 -4.56 -7.23 -5.55
CA THR D 64 -4.15 -7.25 -6.91
C THR D 64 -2.77 -7.82 -7.12
N HIS D 65 -1.84 -7.62 -6.20
CA HIS D 65 -0.58 -8.28 -6.27
C HIS D 65 -0.78 -9.79 -6.24
N LEU D 66 -1.65 -10.22 -5.37
CA LEU D 66 -2.02 -11.69 -5.33
C LEU D 66 -2.58 -12.19 -6.65
N VAL D 67 -3.52 -11.48 -7.23
CA VAL D 67 -4.11 -11.88 -8.52
C VAL D 67 -3.02 -12.00 -9.57
N VAL D 68 -2.14 -11.02 -9.67
CA VAL D 68 -1.06 -11.06 -10.67
C VAL D 68 -0.03 -12.21 -10.44
N GLU D 69 0.29 -12.47 -9.17
CA GLU D 69 1.24 -13.56 -8.87
C GLU D 69 0.56 -14.90 -9.20
N LEU D 70 -0.77 -14.98 -9.05
CA LEU D 70 -1.49 -16.19 -9.42
C LEU D 70 -1.40 -16.40 -10.91
N MET D 71 -1.58 -15.35 -11.71
CA MET D 71 -1.41 -15.43 -13.13
C MET D 71 0.05 -15.87 -13.41
N ASN D 72 1.01 -15.36 -12.65
CA ASN D 72 2.42 -15.73 -12.85
C ASN D 72 2.63 -17.21 -12.66
N GLN D 73 1.87 -17.80 -11.72
CA GLN D 73 1.93 -19.22 -11.42
C GLN D 73 1.22 -20.08 -12.46
N GLY D 74 0.54 -19.49 -13.45
CA GLY D 74 -0.19 -20.31 -14.43
C GLY D 74 -1.69 -20.25 -14.45
N ARG D 75 -2.29 -19.57 -13.46
CA ARG D 75 -3.72 -19.41 -13.49
C ARG D 75 -4.21 -18.49 -14.62
N THR D 76 -5.38 -18.78 -15.14
CA THR D 76 -6.08 -17.87 -16.03
C THR D 76 -6.48 -16.64 -15.24
N PRO D 77 -6.73 -15.50 -15.92
CA PRO D 77 -7.22 -14.31 -15.18
C PRO D 77 -8.45 -14.57 -14.36
N GLN D 78 -9.40 -15.34 -14.89
CA GLN D 78 -10.60 -15.69 -14.12
C GLN D 78 -10.28 -16.54 -12.86
N GLN D 79 -9.42 -17.53 -13.02
CA GLN D 79 -9.01 -18.45 -11.91
C GLN D 79 -8.27 -17.63 -10.85
N ALA D 80 -7.46 -16.70 -11.32
CA ALA D 80 -6.66 -15.88 -10.40
C ALA D 80 -7.58 -15.01 -9.54
N CYS D 81 -8.52 -14.34 -10.18
CA CYS D 81 -9.49 -13.52 -9.43
C CYS D 81 -10.31 -14.39 -8.44
N LYS D 82 -10.70 -15.58 -8.85
CA LYS D 82 -11.51 -16.46 -8.04
C LYS D 82 -10.74 -16.89 -6.80
N GLU D 83 -9.49 -17.30 -7.01
CA GLU D 83 -8.68 -17.79 -5.90
C GLU D 83 -8.36 -16.68 -4.92
N ALA D 84 -8.17 -15.47 -5.40
CA ALA D 84 -7.97 -14.30 -4.53
C ALA D 84 -9.20 -13.94 -3.72
N VAL D 85 -10.36 -14.00 -4.36
CA VAL D 85 -11.61 -13.86 -3.64
C VAL D 85 -11.73 -14.93 -2.59
N GLU D 86 -11.40 -16.17 -2.90
CA GLU D 86 -11.56 -17.28 -1.95
C GLU D 86 -10.65 -17.10 -0.73
N ARG D 87 -9.51 -16.45 -0.94
CA ARG D 87 -8.64 -16.11 0.22
C ARG D 87 -9.22 -15.06 1.14
N ILE D 88 -9.81 -14.02 0.59
CA ILE D 88 -10.48 -13.05 1.43
C ILE D 88 -11.62 -13.81 2.19
N VAL D 89 -12.39 -14.69 1.51
CA VAL D 89 -13.50 -15.44 2.16
C VAL D 89 -12.99 -16.20 3.40
N LYS D 90 -11.89 -16.94 3.25
CA LYS D 90 -11.29 -17.68 4.37
C LYS D 90 -10.84 -16.70 5.48
N ILE D 91 -10.27 -15.55 5.13
CA ILE D 91 -9.83 -14.65 6.19
C ILE D 91 -10.99 -14.04 6.92
N VAL D 92 -12.05 -13.69 6.20
CA VAL D 92 -13.24 -13.13 6.82
C VAL D 92 -13.76 -14.11 7.87
N ASN D 93 -13.76 -15.40 7.51
CA ASN D 93 -14.21 -16.45 8.39
C ASN D 93 -13.28 -16.58 9.59
N ARG D 94 -11.98 -16.49 9.35
CA ARG D 94 -11.00 -16.62 10.44
C ARG D 94 -11.10 -15.48 11.41
N ARG D 95 -11.50 -14.31 10.92
CA ARG D 95 -11.82 -13.13 11.71
C ARG D 95 -13.15 -13.11 12.47
N GLY D 96 -13.94 -14.17 12.26
CA GLY D 96 -15.29 -14.29 12.70
C GLY D 96 -16.24 -13.25 12.21
N LYS D 97 -16.04 -12.78 10.98
CA LYS D 97 -16.93 -11.82 10.41
C LYS D 97 -17.95 -12.49 9.46
N ASN D 98 -18.90 -11.67 9.04
CA ASN D 98 -19.97 -12.11 8.15
C ASN D 98 -19.65 -11.60 6.75
N LEU D 99 -19.66 -12.54 5.81
CA LEU D 99 -19.36 -12.28 4.44
C LEU D 99 -20.31 -11.28 3.81
N LYS D 100 -21.56 -11.18 4.34
CA LYS D 100 -22.55 -10.27 3.82
C LYS D 100 -22.18 -8.83 4.02
N ASP D 101 -21.30 -8.53 4.98
CA ASP D 101 -20.86 -7.21 5.30
C ASP D 101 -19.65 -6.69 4.45
N ILE D 102 -19.16 -7.53 3.53
CA ILE D 102 -18.02 -7.15 2.67
C ILE D 102 -18.30 -7.38 1.17
N GLN D 103 -17.87 -6.45 0.30
CA GLN D 103 -17.91 -6.63 -1.15
C GLN D 103 -16.50 -6.34 -1.68
N VAL D 104 -15.95 -7.25 -2.48
CA VAL D 104 -14.73 -6.96 -3.22
C VAL D 104 -14.93 -7.53 -4.61
N GLY D 105 -14.53 -6.78 -5.62
CA GLY D 105 -14.48 -7.33 -7.00
C GLY D 105 -13.07 -7.18 -7.52
N PHE D 106 -12.55 -8.24 -8.20
CA PHE D 106 -11.32 -8.12 -8.97
C PHE D 106 -11.62 -8.31 -10.45
N ILE D 107 -10.90 -7.57 -11.28
CA ILE D 107 -10.82 -7.80 -12.71
C ILE D 107 -9.35 -7.93 -13.08
N ALA D 108 -9.09 -8.73 -14.12
CA ALA D 108 -7.72 -9.06 -14.52
C ALA D 108 -7.57 -9.28 -15.99
N LEU D 109 -6.36 -9.01 -16.44
CA LEU D 109 -5.98 -9.18 -17.86
C LEU D 109 -4.62 -9.82 -17.84
N ASN D 110 -4.36 -10.74 -18.77
CA ASN D 110 -2.98 -11.22 -18.95
C ASN D 110 -2.42 -10.62 -20.26
N LYS D 111 -1.14 -10.94 -20.50
CA LYS D 111 -0.44 -10.44 -21.68
C LYS D 111 -1.17 -10.80 -22.97
N LYS D 112 -1.70 -12.01 -23.03
CA LYS D 112 -2.42 -12.46 -24.23
C LYS D 112 -3.79 -11.83 -24.42
N GLY D 113 -4.21 -10.94 -23.53
CA GLY D 113 -5.50 -10.38 -23.70
C GLY D 113 -6.63 -11.22 -23.16
N GLU D 114 -6.33 -12.38 -22.53
CA GLU D 114 -7.32 -13.12 -21.79
C GLU D 114 -7.74 -12.24 -20.62
N TYR D 115 -8.99 -12.37 -20.17
CA TYR D 115 -9.47 -11.55 -19.05
C TYR D 115 -10.42 -12.30 -18.18
N GLY D 116 -10.73 -11.71 -17.01
CA GLY D 116 -11.56 -12.46 -16.02
C GLY D 116 -11.82 -11.60 -14.84
N ALA D 117 -12.72 -12.08 -14.02
CA ALA D 117 -13.21 -11.34 -12.88
C ALA D 117 -13.86 -12.30 -11.91
N TYR D 118 -13.96 -11.86 -10.64
CA TYR D 118 -14.67 -12.62 -9.63
C TYR D 118 -14.94 -11.64 -8.50
N CYS D 119 -15.97 -11.93 -7.72
CA CYS D 119 -16.34 -11.00 -6.64
C CYS D 119 -16.94 -11.82 -5.47
N ILE D 120 -17.08 -11.11 -4.36
CA ILE D 120 -17.62 -11.72 -3.16
C ILE D 120 -19.13 -11.95 -3.28
N GLN D 121 -19.84 -10.88 -3.58
CA GLN D 121 -21.32 -10.87 -3.62
C GLN D 121 -21.78 -10.51 -4.99
N ASP D 122 -22.94 -11.01 -5.31
CA ASP D 122 -23.59 -10.73 -6.55
C ASP D 122 -23.83 -9.25 -6.67
N GLY D 123 -23.98 -8.74 -7.89
CA GLY D 123 -24.28 -7.33 -8.12
C GLY D 123 -23.14 -6.47 -8.68
N PHE D 124 -21.96 -7.05 -8.69
CA PHE D 124 -20.82 -6.40 -9.35
C PHE D 124 -20.69 -6.89 -10.75
N ASN D 125 -20.64 -5.95 -11.69
CA ASN D 125 -20.37 -6.20 -13.07
C ASN D 125 -19.09 -5.48 -13.43
N PHE D 126 -18.54 -5.88 -14.59
CA PHE D 126 -17.42 -5.11 -15.17
C PHE D 126 -17.66 -4.94 -16.66
N ALA D 127 -16.97 -3.95 -17.23
CA ALA D 127 -17.12 -3.59 -18.62
C ALA D 127 -15.83 -3.98 -19.33
N VAL D 128 -15.94 -4.56 -20.50
CA VAL D 128 -14.79 -4.99 -21.30
C VAL D 128 -15.00 -4.58 -22.75
N HIS D 129 -14.02 -3.86 -23.29
CA HIS D 129 -14.05 -3.43 -24.70
C HIS D 129 -12.88 -4.06 -25.42
N ASP D 130 -13.16 -4.74 -26.53
CA ASP D 130 -12.12 -5.27 -27.42
C ASP D 130 -12.53 -4.97 -28.84
N GLN D 131 -11.83 -5.53 -29.84
CA GLN D 131 -12.23 -5.34 -31.23
C GLN D 131 -13.60 -5.89 -31.59
N LYS D 132 -14.19 -6.74 -30.78
CA LYS D 132 -15.60 -7.18 -31.01
C LYS D 132 -16.65 -6.27 -30.40
N GLY D 133 -16.25 -5.25 -29.63
CA GLY D 133 -17.14 -4.26 -29.06
C GLY D 133 -17.00 -4.18 -27.54
N ASN D 134 -17.95 -3.45 -26.96
CA ASN D 134 -17.99 -3.12 -25.52
C ASN D 134 -19.09 -3.90 -24.92
N ARG D 135 -18.79 -4.59 -23.83
CA ARG D 135 -19.76 -5.49 -23.16
C ARG D 135 -19.78 -5.32 -21.67
N LEU D 136 -20.97 -5.43 -21.07
CA LEU D 136 -21.11 -5.48 -19.64
C LEU D 136 -21.28 -6.91 -19.27
N GLU D 137 -20.37 -7.41 -18.48
CA GLU D 137 -20.31 -8.82 -18.13
C GLU D 137 -20.43 -8.98 -16.62
N THR D 138 -21.00 -10.11 -16.24
CA THR D 138 -21.30 -10.43 -14.84
C THR D 138 -20.50 -11.66 -14.40
N PRO D 139 -19.47 -11.49 -13.52
CA PRO D 139 -18.66 -12.63 -13.12
C PRO D 139 -19.30 -13.46 -12.04
N GLY D 140 -18.68 -14.58 -11.78
CA GLY D 140 -18.99 -15.42 -10.64
C GLY D 140 -18.81 -14.74 -9.27
N PHE D 141 -19.53 -15.22 -8.27
CA PHE D 141 -19.46 -14.67 -6.89
C PHE D 141 -19.42 -15.80 -5.89
N ALA D 142 -18.78 -15.53 -4.74
CA ALA D 142 -18.60 -16.57 -3.71
C ALA D 142 -19.81 -16.80 -2.84
N LEU D 143 -20.43 -15.73 -2.41
CA LEU D 143 -21.55 -15.80 -1.44
C LEU D 143 -22.82 -16.27 -2.18
N LYS D 144 -23.08 -17.54 -2.08
CA LYS D 144 -24.33 -18.07 -2.59
C LYS D 144 -25.18 -18.46 -1.41
#